data_7O1E
#
_entry.id   7O1E
#
_cell.length_a   86.270
_cell.length_b   86.270
_cell.length_c   90.842
_cell.angle_alpha   90.000
_cell.angle_beta   90.000
_cell.angle_gamma   120.000
#
_symmetry.space_group_name_H-M   'H 3'
#
loop_
_entity.id
_entity.type
_entity.pdbx_description
1 polymer 'Proliferating cell nuclear antigen'
2 water water
#
_entity_poly.entity_id   1
_entity_poly.type   'polypeptide(L)'
_entity_poly.pdbx_seq_one_letter_code
;AMALEARLEQASILKKVVDAIKDLVQDCNFDCNDSGIALQAMDNSHVALVSMMLKAEGFSPYRCDRNIALGVNLTSLTKV
LRAAQNEDILTLKAEDAPDVLNLVFESSETDRISEYDLKLMDIDQEHLGIPETEYAATITMPSNEFKRITTDLMAMSESV
TIEANKDGVKFSCQGDIGNGSVTLRQHTNVEKPNESIEIELSEPVSLTFSLKYLVNFCKASALSNTVKICLSNEVPLLVE
YSLGGSSYLRFYLAPKIGDDE
;
_entity_poly.pdbx_strand_id   A
#
# COMPACT_ATOMS: atom_id res chain seq x y z
N ALA A 3 -16.57 -5.01 -21.32
CA ALA A 3 -16.72 -5.93 -20.13
C ALA A 3 -16.25 -5.22 -18.85
N LEU A 4 -14.96 -4.90 -18.75
CA LEU A 4 -14.46 -3.98 -17.69
C LEU A 4 -14.37 -2.59 -18.27
N GLU A 5 -14.90 -1.60 -17.57
CA GLU A 5 -14.66 -0.17 -17.90
C GLU A 5 -14.71 0.62 -16.60
N ALA A 6 -13.57 1.19 -16.22
CA ALA A 6 -13.35 1.80 -14.89
C ALA A 6 -12.63 3.13 -15.09
N ARG A 7 -13.25 4.22 -14.64
CA ARG A 7 -12.79 5.61 -14.81
C ARG A 7 -12.42 6.19 -13.45
N LEU A 8 -11.15 6.59 -13.26
CA LEU A 8 -10.69 7.44 -12.13
C LEU A 8 -10.67 8.89 -12.58
N GLU A 9 -11.29 9.80 -11.81
CA GLU A 9 -11.33 11.25 -12.11
C GLU A 9 -9.88 11.78 -12.18
N GLN A 10 -9.00 11.25 -11.33
CA GLN A 10 -7.54 11.54 -11.33
C GLN A 10 -6.78 10.21 -11.39
N ALA A 11 -5.66 10.16 -12.12
CA ALA A 11 -4.80 8.96 -12.31
C ALA A 11 -3.86 8.78 -11.11
N SER A 12 -3.63 9.84 -10.34
CA SER A 12 -2.72 9.90 -9.17
C SER A 12 -2.74 8.58 -8.40
N ILE A 13 -3.91 8.20 -7.92
CA ILE A 13 -4.08 7.06 -6.97
C ILE A 13 -3.46 5.80 -7.57
N LEU A 14 -3.72 5.49 -8.84
CA LEU A 14 -3.25 4.23 -9.45
C LEU A 14 -1.76 4.31 -9.71
N LYS A 15 -1.25 5.48 -10.11
CA LYS A 15 0.21 5.78 -10.21
C LYS A 15 0.87 5.47 -8.88
N LYS A 16 0.34 6.01 -7.79
CA LYS A 16 0.96 5.92 -6.43
C LYS A 16 0.93 4.46 -5.95
N VAL A 17 -0.20 3.79 -6.11
CA VAL A 17 -0.36 2.37 -5.72
C VAL A 17 0.73 1.53 -6.37
N VAL A 18 0.82 1.59 -7.70
CA VAL A 18 1.77 0.74 -8.47
C VAL A 18 3.19 1.09 -8.01
N ASP A 19 3.44 2.37 -7.77
CA ASP A 19 4.78 2.85 -7.36
C ASP A 19 5.12 2.23 -6.00
N ALA A 20 4.14 2.21 -5.11
CA ALA A 20 4.24 1.71 -3.72
C ALA A 20 4.56 0.21 -3.68
N ILE A 21 4.30 -0.52 -4.78
CA ILE A 21 4.21 -2.01 -4.85
C ILE A 21 5.31 -2.58 -5.78
N LYS A 22 5.75 -1.86 -6.82
CA LYS A 22 6.61 -2.43 -7.89
C LYS A 22 7.93 -2.94 -7.30
N ASP A 23 8.39 -2.43 -6.16
CA ASP A 23 9.69 -2.84 -5.57
C ASP A 23 9.58 -4.22 -4.89
N LEU A 24 8.37 -4.64 -4.50
CA LEU A 24 8.09 -5.96 -3.83
C LEU A 24 7.61 -6.99 -4.85
N VAL A 25 6.71 -6.57 -5.74
CA VAL A 25 5.95 -7.47 -6.67
C VAL A 25 6.35 -7.11 -8.10
N GLN A 26 6.70 -8.09 -8.94
CA GLN A 26 6.92 -7.87 -10.39
C GLN A 26 5.62 -8.25 -11.11
N ASP A 27 5.34 -9.55 -11.18
CA ASP A 27 4.13 -10.10 -11.85
C ASP A 27 3.05 -10.30 -10.79
N CYS A 28 1.84 -9.79 -11.06
CA CYS A 28 0.63 -9.99 -10.23
C CYS A 28 -0.61 -10.05 -11.13
N ASN A 29 -1.75 -10.38 -10.53
CA ASN A 29 -3.11 -10.32 -11.14
C ASN A 29 -3.86 -9.16 -10.50
N PHE A 30 -4.41 -8.26 -11.33
CA PHE A 30 -5.50 -7.34 -10.92
C PHE A 30 -6.83 -8.08 -11.13
N ASP A 31 -7.42 -8.54 -10.03
CA ASP A 31 -8.72 -9.26 -10.00
C ASP A 31 -9.83 -8.21 -9.96
N CYS A 32 -10.66 -8.17 -10.99
CA CYS A 32 -11.78 -7.22 -11.15
C CYS A 32 -13.11 -7.98 -11.06
N ASN A 33 -14.05 -7.44 -10.29
CA ASN A 33 -15.44 -7.96 -10.23
C ASN A 33 -16.38 -6.79 -9.92
N ASP A 34 -17.65 -7.09 -9.66
CA ASP A 34 -18.72 -6.18 -9.17
C ASP A 34 -18.14 -5.22 -8.10
N SER A 35 -17.36 -5.76 -7.16
CA SER A 35 -16.86 -5.07 -5.94
C SER A 35 -15.78 -4.02 -6.26
N GLY A 36 -14.98 -4.24 -7.29
CA GLY A 36 -13.88 -3.34 -7.68
C GLY A 36 -12.64 -4.11 -8.08
N ILE A 37 -11.45 -3.55 -7.84
CA ILE A 37 -10.18 -4.10 -8.39
C ILE A 37 -9.22 -4.38 -7.25
N ALA A 38 -8.93 -5.66 -7.06
CA ALA A 38 -8.20 -6.22 -5.92
C ALA A 38 -6.83 -6.71 -6.40
N LEU A 39 -5.89 -6.84 -5.48
CA LEU A 39 -4.59 -7.51 -5.75
C LEU A 39 -4.10 -8.20 -4.47
N GLN A 40 -3.79 -9.50 -4.56
CA GLN A 40 -3.14 -10.30 -3.49
C GLN A 40 -1.87 -10.90 -4.10
N ALA A 41 -0.71 -10.63 -3.49
CA ALA A 41 0.60 -11.07 -4.02
C ALA A 41 1.60 -11.16 -2.87
N MET A 42 2.26 -12.30 -2.73
CA MET A 42 3.53 -12.39 -2.00
C MET A 42 4.61 -11.63 -2.80
N ASP A 43 5.55 -11.04 -2.10
CA ASP A 43 6.74 -10.38 -2.71
C ASP A 43 7.66 -11.48 -3.26
N ASN A 44 8.70 -11.06 -3.99
CA ASN A 44 9.62 -11.93 -4.76
C ASN A 44 10.35 -12.92 -3.85
N SER A 45 10.63 -12.54 -2.60
CA SER A 45 11.33 -13.40 -1.62
C SER A 45 10.33 -14.19 -0.74
N HIS A 46 9.02 -14.05 -1.02
CA HIS A 46 7.90 -14.84 -0.44
C HIS A 46 7.82 -14.63 1.09
N VAL A 47 7.98 -13.37 1.54
CA VAL A 47 8.01 -12.96 2.97
C VAL A 47 6.82 -12.03 3.27
N ALA A 48 6.61 -11.00 2.48
CA ALA A 48 5.57 -9.97 2.68
C ALA A 48 4.38 -10.29 1.78
N LEU A 49 3.17 -10.11 2.30
CA LEU A 49 1.92 -10.22 1.53
C LEU A 49 1.50 -8.80 1.14
N VAL A 50 1.12 -8.60 -0.13
CA VAL A 50 0.51 -7.32 -0.58
C VAL A 50 -0.97 -7.59 -0.86
N SER A 51 -1.82 -6.71 -0.36
CA SER A 51 -3.30 -6.81 -0.48
C SER A 51 -3.84 -5.41 -0.78
N MET A 52 -4.41 -5.22 -1.97
CA MET A 52 -5.03 -3.93 -2.37
C MET A 52 -6.48 -4.14 -2.83
N MET A 53 -7.31 -3.14 -2.58
CA MET A 53 -8.68 -3.04 -3.09
C MET A 53 -8.93 -1.59 -3.46
N LEU A 54 -9.27 -1.36 -4.73
CA LEU A 54 -9.97 -0.13 -5.19
C LEU A 54 -11.44 -0.47 -5.37
N LYS A 55 -12.28 0.03 -4.47
CA LYS A 55 -13.75 -0.23 -4.47
C LYS A 55 -14.38 0.53 -5.64
N ALA A 56 -15.46 -0.04 -6.20
CA ALA A 56 -16.21 0.47 -7.37
C ALA A 56 -16.60 1.94 -7.18
N GLU A 57 -16.95 2.34 -5.95
CA GLU A 57 -17.34 3.75 -5.62
C GLU A 57 -16.14 4.70 -5.80
N GLY A 58 -14.92 4.18 -5.87
CA GLY A 58 -13.68 4.98 -6.11
C GLY A 58 -13.61 5.46 -7.55
N PHE A 59 -14.32 4.77 -8.44
CA PHE A 59 -14.48 5.09 -9.88
C PHE A 59 -15.78 5.88 -10.11
N SER A 60 -15.87 6.52 -11.27
CA SER A 60 -17.00 7.40 -11.68
C SER A 60 -17.03 7.48 -13.20
N PRO A 61 -17.57 6.46 -13.91
CA PRO A 61 -18.18 5.29 -13.30
C PRO A 61 -17.31 4.02 -13.23
N TYR A 62 -17.84 2.95 -12.63
CA TYR A 62 -17.24 1.59 -12.59
C TYR A 62 -18.23 0.56 -13.16
N ARG A 63 -17.80 -0.22 -14.14
CA ARG A 63 -18.57 -1.34 -14.73
C ARG A 63 -17.63 -2.54 -14.90
N CYS A 64 -18.02 -3.69 -14.34
CA CYS A 64 -17.34 -4.99 -14.57
C CYS A 64 -18.40 -6.08 -14.63
N ASP A 65 -18.92 -6.29 -15.84
CA ASP A 65 -19.90 -7.34 -16.21
C ASP A 65 -19.43 -8.67 -15.62
N ARG A 66 -18.26 -9.13 -16.07
CA ARG A 66 -17.67 -10.46 -15.75
C ARG A 66 -16.38 -10.29 -14.94
N ASN A 67 -16.08 -11.32 -14.13
CA ASN A 67 -14.83 -11.45 -13.33
C ASN A 67 -13.63 -11.62 -14.25
N ILE A 68 -12.63 -10.75 -14.10
CA ILE A 68 -11.47 -10.66 -15.04
C ILE A 68 -10.20 -10.49 -14.21
N ALA A 69 -9.23 -11.40 -14.39
CA ALA A 69 -7.90 -11.37 -13.77
C ALA A 69 -6.94 -10.78 -14.81
N LEU A 70 -6.37 -9.61 -14.54
CA LEU A 70 -5.45 -8.93 -15.49
C LEU A 70 -4.01 -9.28 -15.08
N GLY A 71 -3.40 -10.24 -15.78
CA GLY A 71 -1.99 -10.63 -15.58
C GLY A 71 -1.04 -9.53 -16.05
N VAL A 72 -0.32 -8.90 -15.12
CA VAL A 72 0.43 -7.64 -15.36
C VAL A 72 1.81 -7.72 -14.72
N ASN A 73 2.83 -7.36 -15.49
CA ASN A 73 4.19 -7.02 -14.99
C ASN A 73 4.15 -5.55 -14.57
N LEU A 74 4.57 -5.23 -13.35
CA LEU A 74 4.41 -3.85 -12.82
C LEU A 74 5.54 -2.92 -13.32
N THR A 75 6.62 -3.45 -13.90
CA THR A 75 7.67 -2.68 -14.62
C THR A 75 7.06 -2.19 -15.94
N SER A 76 6.50 -3.10 -16.73
CA SER A 76 5.71 -2.79 -17.94
C SER A 76 4.65 -1.74 -17.59
N LEU A 77 3.83 -1.99 -16.57
CA LEU A 77 2.67 -1.12 -16.24
C LEU A 77 3.14 0.29 -15.87
N THR A 78 4.26 0.40 -15.12
CA THR A 78 4.91 1.68 -14.71
C THR A 78 5.32 2.48 -15.96
N LYS A 79 5.84 1.81 -16.99
CA LYS A 79 6.28 2.48 -18.23
C LYS A 79 5.09 3.19 -18.86
N VAL A 80 3.87 2.67 -18.66
CA VAL A 80 2.64 3.22 -19.29
C VAL A 80 2.02 4.30 -18.39
N LEU A 81 2.04 4.11 -17.08
CA LEU A 81 1.43 5.04 -16.10
C LEU A 81 2.24 6.31 -15.99
N ARG A 82 3.55 6.25 -16.27
CA ARG A 82 4.44 7.43 -16.33
C ARG A 82 3.95 8.39 -17.42
N ALA A 83 3.24 7.89 -18.43
CA ALA A 83 2.68 8.72 -19.53
C ALA A 83 1.40 9.38 -19.05
N ALA A 84 0.86 8.96 -17.91
CA ALA A 84 -0.32 9.60 -17.28
C ALA A 84 0.15 10.68 -16.33
N GLN A 85 -0.42 11.87 -16.46
CA GLN A 85 -0.26 12.97 -15.48
C GLN A 85 -1.22 12.71 -14.31
N ASN A 86 -0.87 13.19 -13.12
CA ASN A 86 -1.61 12.95 -11.86
C ASN A 86 -3.09 13.34 -12.01
N GLU A 87 -3.38 14.45 -12.69
CA GLU A 87 -4.73 15.05 -12.82
C GLU A 87 -5.46 14.53 -14.07
N ASP A 88 -4.82 13.67 -14.87
CA ASP A 88 -5.43 13.05 -16.08
C ASP A 88 -6.60 12.15 -15.66
N ILE A 89 -7.75 12.29 -16.32
CA ILE A 89 -8.87 11.31 -16.27
C ILE A 89 -8.25 9.99 -16.76
N LEU A 90 -8.32 8.92 -15.97
CA LEU A 90 -7.79 7.59 -16.38
C LEU A 90 -8.95 6.60 -16.49
N THR A 91 -8.95 5.83 -17.59
CA THR A 91 -9.97 4.80 -17.90
C THR A 91 -9.25 3.48 -18.21
N LEU A 92 -9.69 2.40 -17.55
CA LEU A 92 -9.27 1.01 -17.87
C LEU A 92 -10.42 0.35 -18.64
N LYS A 93 -10.08 -0.35 -19.71
CA LYS A 93 -11.04 -1.11 -20.56
C LYS A 93 -10.45 -2.50 -20.80
N ALA A 94 -11.29 -3.52 -20.75
CA ALA A 94 -10.89 -4.92 -20.96
C ALA A 94 -12.09 -5.71 -21.46
N GLU A 95 -11.87 -6.69 -22.33
CA GLU A 95 -12.92 -7.63 -22.76
C GLU A 95 -12.66 -8.96 -22.02
N ASP A 96 -13.59 -9.91 -22.12
CA ASP A 96 -13.53 -11.22 -21.43
C ASP A 96 -12.27 -11.96 -21.86
N ALA A 97 -11.63 -12.67 -20.92
CA ALA A 97 -10.34 -13.36 -21.10
C ALA A 97 -9.46 -12.49 -22.01
N PRO A 98 -9.07 -11.28 -21.55
CA PRO A 98 -8.42 -10.30 -22.41
C PRO A 98 -6.99 -10.72 -22.75
N ASP A 99 -6.53 -10.36 -23.96
CA ASP A 99 -5.09 -10.46 -24.34
C ASP A 99 -4.37 -9.16 -23.95
N VAL A 100 -5.07 -8.02 -23.92
CA VAL A 100 -4.50 -6.70 -23.54
C VAL A 100 -5.45 -6.02 -22.56
N LEU A 101 -4.90 -5.08 -21.78
CA LEU A 101 -5.64 -4.06 -21.02
C LEU A 101 -5.47 -2.72 -21.75
N ASN A 102 -6.57 -1.99 -21.94
CA ASN A 102 -6.63 -0.69 -22.64
C ASN A 102 -6.67 0.41 -21.59
N LEU A 103 -5.65 1.28 -21.57
CA LEU A 103 -5.56 2.48 -20.70
C LEU A 103 -5.68 3.75 -21.55
N VAL A 104 -6.54 4.68 -21.15
CA VAL A 104 -6.69 6.02 -21.78
C VAL A 104 -6.46 7.14 -20.75
N PHE A 105 -5.62 8.12 -21.09
CA PHE A 105 -5.32 9.32 -20.26
C PHE A 105 -5.76 10.58 -21.01
N GLU A 106 -6.66 11.36 -20.40
CA GLU A 106 -7.31 12.57 -20.97
C GLU A 106 -7.06 13.76 -20.06
N SER A 107 -6.45 14.82 -20.59
CA SER A 107 -6.27 16.11 -19.89
C SER A 107 -7.54 16.95 -19.99
N THR A 110 -6.66 20.02 -21.82
CA THR A 110 -5.70 20.54 -22.83
C THR A 110 -5.80 19.77 -24.17
N ASP A 111 -6.93 19.11 -24.44
CA ASP A 111 -7.27 18.51 -25.76
C ASP A 111 -6.20 17.46 -26.14
N ARG A 112 -5.68 16.73 -25.14
CA ARG A 112 -4.69 15.63 -25.31
C ARG A 112 -5.34 14.30 -24.92
N ILE A 113 -5.21 13.29 -25.76
CA ILE A 113 -5.69 11.90 -25.49
C ILE A 113 -4.53 10.93 -25.73
N SER A 114 -4.11 10.25 -24.68
CA SER A 114 -3.10 9.16 -24.70
C SER A 114 -3.82 7.83 -24.57
N GLU A 115 -3.44 6.84 -25.37
CA GLU A 115 -4.10 5.51 -25.38
C GLU A 115 -3.03 4.42 -25.47
N TYR A 116 -3.08 3.48 -24.53
CA TYR A 116 -2.12 2.37 -24.41
C TYR A 116 -2.87 1.06 -24.34
N ASP A 117 -2.35 0.06 -25.05
CA ASP A 117 -2.81 -1.33 -25.01
C ASP A 117 -1.64 -2.14 -24.44
N LEU A 118 -1.74 -2.59 -23.19
CA LEU A 118 -0.66 -3.32 -22.51
C LEU A 118 -0.90 -4.84 -22.69
N LYS A 119 0.07 -5.56 -23.26
CA LYS A 119 -0.01 -7.04 -23.38
C LYS A 119 -0.07 -7.63 -21.97
N LEU A 120 -1.10 -8.44 -21.69
CA LEU A 120 -1.27 -9.14 -20.40
C LEU A 120 -0.49 -10.46 -20.46
N MET A 121 -0.08 -11.00 -19.31
CA MET A 121 0.65 -12.29 -19.17
C MET A 121 -0.28 -13.33 -18.53
N ASP A 122 0.05 -14.62 -18.69
CA ASP A 122 -0.55 -15.76 -17.93
C ASP A 122 0.12 -15.83 -16.57
N ILE A 123 -0.59 -15.46 -15.50
CA ILE A 123 -0.04 -15.37 -14.12
C ILE A 123 -0.92 -16.17 -13.15
N ASP A 124 -0.36 -17.24 -12.58
CA ASP A 124 -0.94 -18.11 -11.52
C ASP A 124 -1.35 -17.24 -10.32
N GLN A 125 -2.50 -17.52 -9.70
CA GLN A 125 -3.16 -16.66 -8.67
C GLN A 125 -2.51 -16.86 -7.30
N TYR A 135 -6.64 -7.35 16.42
CA TYR A 135 -5.22 -7.14 16.80
C TYR A 135 -5.15 -6.75 18.28
N ALA A 136 -4.09 -7.17 18.97
CA ALA A 136 -3.78 -6.78 20.37
C ALA A 136 -3.58 -5.27 20.50
N ALA A 137 -3.03 -4.60 19.48
CA ALA A 137 -2.76 -3.15 19.52
C ALA A 137 -2.76 -2.59 18.10
N THR A 138 -3.43 -1.44 17.89
CA THR A 138 -3.53 -0.72 16.59
C THR A 138 -3.08 0.72 16.76
N ILE A 139 -2.06 1.15 15.98
CA ILE A 139 -1.42 2.49 16.09
C ILE A 139 -1.84 3.35 14.89
N THR A 140 -2.43 4.52 15.15
CA THR A 140 -2.73 5.51 14.10
C THR A 140 -1.80 6.72 14.29
N MET A 141 -0.98 7.01 13.26
CA MET A 141 0.08 8.06 13.29
C MET A 141 0.33 8.58 11.86
N PRO A 142 0.99 9.75 11.71
CA PRO A 142 1.41 10.24 10.40
C PRO A 142 2.31 9.23 9.68
N SER A 143 2.04 8.97 8.39
CA SER A 143 2.77 7.97 7.57
C SER A 143 4.20 8.46 7.34
N ASN A 144 4.38 9.77 7.11
CA ASN A 144 5.71 10.42 6.94
C ASN A 144 6.55 10.09 8.18
N GLU A 145 5.97 10.19 9.37
CA GLU A 145 6.71 9.93 10.62
C GLU A 145 7.16 8.47 10.64
N PHE A 146 6.27 7.55 10.25
CA PHE A 146 6.58 6.10 10.23
C PHE A 146 7.73 5.89 9.24
N LYS A 147 7.67 6.56 8.08
CA LYS A 147 8.71 6.45 7.03
C LYS A 147 10.07 6.97 7.55
N ARG A 148 10.06 8.11 8.25
CA ARG A 148 11.30 8.76 8.74
C ARG A 148 11.98 7.87 9.78
N ILE A 149 11.21 7.27 10.70
CA ILE A 149 11.71 6.36 11.78
C ILE A 149 12.29 5.08 11.15
N THR A 150 11.54 4.39 10.29
CA THR A 150 12.00 3.12 9.65
C THR A 150 13.29 3.39 8.87
N THR A 151 13.30 4.44 8.04
CA THR A 151 14.47 4.86 7.21
C THR A 151 15.69 5.09 8.09
N ASP A 152 15.54 5.95 9.10
CA ASP A 152 16.60 6.34 10.06
C ASP A 152 17.17 5.09 10.74
N LEU A 153 16.33 4.21 11.32
CA LEU A 153 16.82 3.03 12.09
C LEU A 153 17.45 2.01 11.14
N MET A 154 17.05 2.02 9.85
CA MET A 154 17.57 1.09 8.81
C MET A 154 19.07 1.36 8.58
N ALA A 155 19.50 2.61 8.70
CA ALA A 155 20.93 3.03 8.64
C ALA A 155 21.74 2.39 9.78
N MET A 156 21.07 1.99 10.87
CA MET A 156 21.65 1.56 12.17
C MET A 156 21.57 0.05 12.37
N SER A 157 20.51 -0.58 11.86
CA SER A 157 20.09 -1.94 12.21
C SER A 157 19.30 -2.55 11.04
N GLU A 158 19.30 -3.88 10.97
CA GLU A 158 18.48 -4.68 10.04
C GLU A 158 17.08 -4.87 10.65
N SER A 159 16.97 -4.86 11.98
CA SER A 159 15.75 -5.20 12.74
C SER A 159 15.33 -4.02 13.60
N VAL A 160 14.02 -3.91 13.86
CA VAL A 160 13.40 -2.90 14.78
C VAL A 160 12.42 -3.64 15.68
N THR A 161 12.42 -3.30 16.97
CA THR A 161 11.45 -3.81 17.96
C THR A 161 10.38 -2.74 18.16
N ILE A 162 9.12 -3.13 18.06
CA ILE A 162 7.95 -2.21 18.20
C ILE A 162 7.20 -2.60 19.48
N GLU A 163 7.28 -1.73 20.49
CA GLU A 163 6.55 -1.82 21.78
C GLU A 163 5.42 -0.80 21.78
N ALA A 164 4.18 -1.26 21.93
CA ALA A 164 2.99 -0.39 22.10
C ALA A 164 2.46 -0.59 23.51
N ASN A 165 1.85 0.46 24.06
CA ASN A 165 1.01 0.42 25.28
C ASN A 165 0.08 1.63 25.21
N LYS A 166 -0.85 1.74 26.15
CA LYS A 166 -1.88 2.83 26.22
C LYS A 166 -1.21 4.22 26.04
N ASP A 167 0.03 4.39 26.53
CA ASP A 167 0.70 5.70 26.73
C ASP A 167 1.47 6.15 25.48
N GLY A 168 2.07 5.21 24.72
CA GLY A 168 2.79 5.54 23.48
C GLY A 168 3.41 4.32 22.79
N VAL A 169 4.22 4.56 21.75
CA VAL A 169 4.93 3.54 20.93
C VAL A 169 6.45 3.82 20.92
N LYS A 170 7.23 2.78 21.18
CA LYS A 170 8.71 2.82 21.14
C LYS A 170 9.21 1.88 20.05
N PHE A 171 9.96 2.44 19.11
CA PHE A 171 10.71 1.72 18.07
C PHE A 171 12.18 1.71 18.48
N SER A 172 12.75 0.54 18.67
CA SER A 172 14.12 0.36 19.22
C SER A 172 14.91 -0.57 18.30
N CYS A 173 16.24 -0.48 18.28
CA CYS A 173 17.13 -1.31 17.42
C CYS A 173 18.56 -1.36 17.94
N GLN A 174 19.35 -2.33 17.47
CA GLN A 174 20.77 -2.45 17.89
C GLN A 174 21.61 -2.91 16.70
N GLY A 175 22.80 -2.35 16.56
CA GLY A 175 23.71 -2.60 15.41
C GLY A 175 25.17 -2.58 15.81
N ASP A 176 26.04 -2.44 14.82
CA ASP A 176 27.51 -2.31 14.98
C ASP A 176 27.83 -1.08 15.84
N ILE A 177 27.26 0.08 15.49
CA ILE A 177 27.71 1.42 15.95
C ILE A 177 27.15 1.69 17.36
N GLY A 178 26.08 0.99 17.74
CA GLY A 178 25.45 1.08 19.06
C GLY A 178 23.99 0.70 18.99
N ASN A 179 23.10 1.48 19.64
CA ASN A 179 21.64 1.24 19.52
C ASN A 179 20.87 2.57 19.57
N GLY A 180 19.63 2.53 19.10
CA GLY A 180 18.75 3.71 18.98
C GLY A 180 17.33 3.36 19.39
N SER A 181 16.60 4.34 19.91
CA SER A 181 15.14 4.28 20.17
C SER A 181 14.51 5.59 19.69
N VAL A 182 13.23 5.52 19.32
CA VAL A 182 12.32 6.67 19.04
C VAL A 182 11.00 6.34 19.73
N THR A 183 10.54 7.25 20.59
CA THR A 183 9.33 7.07 21.44
C THR A 183 8.31 8.13 21.06
N LEU A 184 7.12 7.71 20.65
CA LEU A 184 5.98 8.60 20.32
C LEU A 184 4.88 8.34 21.35
N ARG A 185 4.58 9.30 22.20
CA ARG A 185 3.50 9.21 23.21
C ARG A 185 2.16 9.43 22.52
N GLN A 186 1.11 8.79 23.06
CA GLN A 186 -0.29 8.92 22.59
C GLN A 186 -0.67 10.40 22.71
N HIS A 187 -1.20 11.00 21.65
CA HIS A 187 -1.50 12.45 21.62
C HIS A 187 -2.54 12.79 20.56
N THR A 188 -3.71 13.25 21.01
CA THR A 188 -4.79 13.83 20.18
C THR A 188 -4.45 15.30 19.88
N ASN A 189 -4.17 15.62 18.62
CA ASN A 189 -3.84 16.98 18.13
C ASN A 189 -5.12 17.60 17.55
N VAL A 190 -5.74 18.53 18.28
CA VAL A 190 -7.07 19.12 17.94
C VAL A 190 -6.89 20.01 16.70
N GLU A 191 -6.01 21.01 16.80
CA GLU A 191 -5.75 22.02 15.73
C GLU A 191 -5.32 21.33 14.42
N LYS A 192 -4.42 20.33 14.50
CA LYS A 192 -3.95 19.55 13.32
C LYS A 192 -4.08 18.05 13.61
N PRO A 193 -5.29 17.48 13.44
CA PRO A 193 -5.53 16.05 13.67
C PRO A 193 -4.62 15.09 12.90
N ASN A 194 -4.11 15.53 11.73
CA ASN A 194 -3.19 14.77 10.83
C ASN A 194 -1.94 14.29 11.60
N GLU A 195 -1.60 14.97 12.70
CA GLU A 195 -0.33 14.82 13.46
C GLU A 195 -0.55 13.94 14.71
N SER A 196 -1.80 13.62 15.08
CA SER A 196 -2.15 12.84 16.30
C SER A 196 -1.48 11.45 16.28
N ILE A 197 -1.12 10.94 17.45
CA ILE A 197 -0.73 9.53 17.71
C ILE A 197 -1.86 8.92 18.56
N GLU A 198 -2.56 7.91 18.04
CA GLU A 198 -3.69 7.23 18.74
C GLU A 198 -3.34 5.75 18.86
N ILE A 199 -3.71 5.12 19.98
CA ILE A 199 -3.35 3.71 20.29
C ILE A 199 -4.57 3.00 20.89
N GLU A 200 -5.47 2.50 20.04
CA GLU A 200 -6.52 1.50 20.39
C GLU A 200 -5.81 0.17 20.66
N LEU A 201 -5.95 -0.38 21.86
CA LEU A 201 -5.07 -1.46 22.38
C LEU A 201 -5.77 -2.22 23.50
N SER A 202 -5.69 -3.56 23.49
CA SER A 202 -6.32 -4.50 24.44
C SER A 202 -5.27 -5.18 25.31
N GLU A 203 -3.98 -4.97 25.04
CA GLU A 203 -2.86 -5.76 25.63
C GLU A 203 -1.54 -5.20 25.08
N PRO A 204 -0.62 -4.73 25.94
CA PRO A 204 0.70 -4.32 25.47
C PRO A 204 1.39 -5.44 24.67
N VAL A 205 2.14 -5.07 23.64
CA VAL A 205 2.80 -6.04 22.71
C VAL A 205 4.22 -5.52 22.42
N SER A 206 5.16 -6.44 22.20
CA SER A 206 6.60 -6.21 21.93
C SER A 206 7.05 -7.19 20.86
N LEU A 207 7.28 -6.72 19.62
CA LEU A 207 7.52 -7.59 18.44
C LEU A 207 8.64 -7.00 17.58
N THR A 208 9.45 -7.89 17.01
CA THR A 208 10.66 -7.58 16.22
C THR A 208 10.38 -7.90 14.75
N PHE A 209 10.78 -7.01 13.83
CA PHE A 209 10.47 -7.06 12.37
C PHE A 209 11.68 -6.62 11.54
N SER A 210 11.73 -7.07 10.29
CA SER A 210 12.72 -6.65 9.26
C SER A 210 12.45 -5.19 8.87
N LEU A 211 13.44 -4.32 9.06
CA LEU A 211 13.34 -2.88 8.67
C LEU A 211 13.28 -2.79 7.15
N LYS A 212 14.09 -3.57 6.44
CA LYS A 212 14.10 -3.62 4.96
C LYS A 212 12.64 -3.68 4.47
N TYR A 213 11.82 -4.61 4.95
CA TYR A 213 10.42 -4.73 4.47
C TYR A 213 9.61 -3.50 4.92
N LEU A 214 9.76 -3.04 6.15
CA LEU A 214 8.93 -1.90 6.65
C LEU A 214 9.22 -0.64 5.83
N VAL A 215 10.47 -0.41 5.44
CA VAL A 215 10.89 0.76 4.61
C VAL A 215 10.23 0.64 3.22
N ASN A 216 10.23 -0.55 2.60
CA ASN A 216 9.46 -0.86 1.35
C ASN A 216 7.99 -0.49 1.55
N PHE A 217 7.34 -0.94 2.64
CA PHE A 217 5.93 -0.64 2.94
C PHE A 217 5.68 0.88 2.95
N CYS A 218 6.68 1.64 3.41
CA CYS A 218 6.58 3.10 3.67
C CYS A 218 6.66 3.91 2.38
N LYS A 219 7.03 3.29 1.25
CA LYS A 219 6.96 3.89 -0.11
C LYS A 219 5.52 4.34 -0.37
N ALA A 220 4.55 3.67 0.24
CA ALA A 220 3.11 3.97 0.12
C ALA A 220 2.67 5.19 0.93
N SER A 221 3.55 5.97 1.57
CA SER A 221 3.13 7.09 2.43
C SER A 221 2.59 8.26 1.58
N ALA A 222 2.89 8.26 0.28
CA ALA A 222 2.33 9.20 -0.73
C ALA A 222 0.79 9.07 -0.83
N LEU A 223 0.22 7.89 -0.52
CA LEU A 223 -1.23 7.59 -0.70
C LEU A 223 -2.07 8.17 0.42
N SER A 224 -1.54 8.18 1.63
CA SER A 224 -2.28 8.56 2.85
C SER A 224 -1.31 9.26 3.78
N ASN A 225 -1.74 10.35 4.41
CA ASN A 225 -0.92 11.12 5.38
C ASN A 225 -1.01 10.43 6.75
N THR A 226 -1.88 9.43 6.92
CA THR A 226 -1.89 8.57 8.13
C THR A 226 -1.79 7.10 7.73
N VAL A 227 -1.16 6.32 8.61
CA VAL A 227 -0.90 4.86 8.46
C VAL A 227 -1.40 4.19 9.75
N LYS A 228 -1.93 2.97 9.60
CA LYS A 228 -2.44 2.11 10.69
C LYS A 228 -1.47 0.94 10.83
N ILE A 229 -0.89 0.78 12.02
CA ILE A 229 0.10 -0.29 12.37
C ILE A 229 -0.57 -1.23 13.38
N CYS A 230 -0.93 -2.43 12.91
CA CYS A 230 -1.82 -3.38 13.61
C CYS A 230 -0.99 -4.57 14.09
N LEU A 231 -0.75 -4.66 15.40
CA LEU A 231 0.15 -5.64 16.03
C LEU A 231 -0.63 -6.77 16.69
N SER A 232 -0.24 -8.02 16.44
CA SER A 232 -0.77 -9.25 17.07
C SER A 232 0.39 -10.14 17.52
N ASN A 233 0.21 -10.84 18.66
CA ASN A 233 1.19 -11.85 19.17
C ASN A 233 1.00 -13.18 18.43
N GLU A 234 0.02 -13.31 17.52
CA GLU A 234 -0.34 -14.61 16.89
C GLU A 234 -0.35 -14.52 15.36
N VAL A 235 -0.68 -13.37 14.77
CA VAL A 235 -0.82 -13.20 13.30
C VAL A 235 0.18 -12.13 12.83
N PRO A 236 0.48 -12.06 11.51
CA PRO A 236 1.40 -11.04 10.98
C PRO A 236 1.05 -9.59 11.36
N LEU A 237 2.07 -8.74 11.43
CA LEU A 237 1.86 -7.27 11.48
C LEU A 237 1.09 -6.89 10.21
N LEU A 238 0.10 -6.01 10.34
CA LEU A 238 -0.57 -5.36 9.16
C LEU A 238 -0.20 -3.86 9.14
N VAL A 239 0.37 -3.39 8.04
CA VAL A 239 0.58 -1.93 7.81
C VAL A 239 -0.45 -1.49 6.79
N GLU A 240 -1.24 -0.47 7.10
CA GLU A 240 -2.44 -0.18 6.28
C GLU A 240 -2.57 1.30 5.96
N TYR A 241 -2.82 1.58 4.68
CA TYR A 241 -3.01 2.94 4.10
C TYR A 241 -4.40 2.98 3.45
N SER A 242 -5.24 3.95 3.83
CA SER A 242 -6.56 4.19 3.19
C SER A 242 -6.33 4.84 1.82
N LEU A 243 -7.08 4.42 0.79
CA LEU A 243 -7.07 5.04 -0.56
C LEU A 243 -8.34 5.89 -0.77
N GLY A 244 -9.08 6.22 0.28
CA GLY A 244 -10.41 6.87 0.20
C GLY A 244 -11.53 5.89 0.53
N GLY A 245 -12.63 6.36 1.11
CA GLY A 245 -13.70 5.48 1.60
C GLY A 245 -13.11 4.22 2.22
N SER A 246 -13.60 3.04 1.83
CA SER A 246 -13.13 1.72 2.32
C SER A 246 -12.14 1.07 1.35
N SER A 247 -11.61 1.80 0.36
CA SER A 247 -10.46 1.34 -0.47
C SER A 247 -9.22 1.31 0.41
N TYR A 248 -8.29 0.37 0.19
CA TYR A 248 -7.11 0.15 1.07
C TYR A 248 -5.94 -0.41 0.26
N LEU A 249 -4.72 -0.13 0.72
CA LEU A 249 -3.48 -0.89 0.42
C LEU A 249 -2.94 -1.42 1.76
N ARG A 250 -2.81 -2.75 1.90
CA ARG A 250 -2.38 -3.40 3.16
C ARG A 250 -1.13 -4.22 2.92
N PHE A 251 -0.23 -4.22 3.89
CA PHE A 251 1.01 -5.04 3.88
C PHE A 251 1.02 -5.90 5.14
N TYR A 252 1.38 -7.16 4.97
CA TYR A 252 1.46 -8.14 6.08
C TYR A 252 2.89 -8.64 6.16
N LEU A 253 3.41 -8.65 7.39
CA LEU A 253 4.80 -9.07 7.70
C LEU A 253 4.81 -9.80 9.04
N ALA A 254 5.23 -11.07 9.05
CA ALA A 254 5.31 -11.89 10.28
C ALA A 254 6.48 -11.40 11.13
N PRO A 255 6.33 -11.31 12.46
CA PRO A 255 7.44 -10.95 13.35
C PRO A 255 8.62 -11.92 13.17
N LYS A 256 9.85 -11.44 13.30
CA LYS A 256 11.03 -12.31 13.54
C LYS A 256 10.79 -13.08 14.84
N ILE A 257 10.82 -14.42 14.76
CA ILE A 257 10.71 -15.35 15.93
C ILE A 257 12.10 -15.94 16.20
#